data_5HNK
#
_entry.id   5HNK
#
_cell.length_a   44.720
_cell.length_b   109.940
_cell.length_c   127.340
_cell.angle_alpha   90.000
_cell.angle_beta   90.000
_cell.angle_gamma   90.000
#
_symmetry.space_group_name_H-M   'P 21 21 21'
#
loop_
_entity.id
_entity.type
_entity.pdbx_description
1 polymer "DNA (5'-D(*AP*AP*AP*AP*GP*CP*GP*TP*AP*CP*GP*C)-3')"
2 polymer Exodeoxyribonuclease
3 non-polymer 'MAGNESIUM ION'
4 non-polymer 'POTASSIUM ION'
5 non-polymer GLYCEROL
6 water water
#
loop_
_entity_poly.entity_id
_entity_poly.type
_entity_poly.pdbx_seq_one_letter_code
_entity_poly.pdbx_strand_id
1 'polydeoxyribonucleotide' (DA)(DA)(DA)(DA)(DG)(DC)(DG)(DT)(DA)(DC)(DG)(DC) X,Y
2 'polypeptide(L)'
;RNLMIVDGTNLGFRFKHNNSKKPFASSYVSTIQSLAKSYSARTTIVLGDKGKSVFRLEHLPEYKGNRDEKYAQRTEEEKA
LDEQFFEYLKDAFELCKTTFPTFTIRGVEADDMAAYIVKLIGHLYDHVWLISTKGDWDTLLTDKVSRFSFTTRREYHLRD
MYEHHNVDDVEQFISLKAIMGDLGDNIRGVEGIGAKRGYNIIREFGNVLDIIDQLPLPGKQKYIQNLNASEELLFRNLIL
VDLPTYCVDAIAAVGQDVLDKFTKDILEIAEQ
;
A,B
#
loop_
_chem_comp.id
_chem_comp.type
_chem_comp.name
_chem_comp.formula
DA DNA linking 2'-DEOXYADENOSINE-5'-MONOPHOSPHATE 'C10 H14 N5 O6 P'
DC DNA linking 2'-DEOXYCYTIDINE-5'-MONOPHOSPHATE 'C9 H14 N3 O7 P'
DG DNA linking 2'-DEOXYGUANOSINE-5'-MONOPHOSPHATE 'C10 H14 N5 O7 P'
DT DNA linking THYMIDINE-5'-MONOPHOSPHATE 'C10 H15 N2 O8 P'
GOL non-polymer GLYCEROL 'C3 H8 O3'
K non-polymer 'POTASSIUM ION' 'K 1'
MG non-polymer 'MAGNESIUM ION' 'Mg 2'
#
# COMPACT_ATOMS: atom_id res chain seq x y z
N ARG C 1 -27.22 -18.15 11.89
CA ARG C 1 -26.27 -19.05 12.58
C ARG C 1 -24.84 -18.82 12.04
N ASN C 2 -23.95 -18.34 12.90
CA ASN C 2 -22.56 -18.10 12.51
C ASN C 2 -21.57 -18.87 13.37
N LEU C 3 -20.35 -18.96 12.86
CA LEU C 3 -19.24 -19.61 13.53
C LEU C 3 -18.22 -18.54 13.86
N MET C 4 -17.71 -18.56 15.09
CA MET C 4 -16.66 -17.61 15.49
C MET C 4 -15.42 -18.41 15.87
N ILE C 5 -14.31 -18.14 15.19
CA ILE C 5 -13.03 -18.78 15.48
C ILE C 5 -12.11 -17.70 16.05
N VAL C 6 -11.59 -17.94 17.26
CA VAL C 6 -10.79 -16.97 17.98
C VAL C 6 -9.31 -17.37 17.96
N ASP C 7 -8.47 -16.44 17.50
CA ASP C 7 -7.02 -16.55 17.65
C ASP C 7 -6.67 -16.17 19.10
N GLY C 8 -6.74 -17.17 19.99
CA GLY C 8 -6.70 -16.94 21.44
C GLY C 8 -5.42 -16.39 22.02
N THR C 9 -4.27 -16.80 21.46
CA THR C 9 -2.97 -16.28 21.90
C THR C 9 -2.80 -14.82 21.45
N ASN C 10 -3.20 -14.54 20.22
CA ASN C 10 -3.26 -13.17 19.68
C ASN C 10 -4.15 -12.24 20.51
N LEU C 11 -5.32 -12.72 20.91
CA LEU C 11 -6.21 -11.96 21.80
C LEU C 11 -5.58 -11.72 23.18
N GLY C 12 -4.85 -12.71 23.70
CA GLY C 12 -4.09 -12.55 24.94
C GLY C 12 -3.07 -11.43 24.91
N PHE C 13 -2.41 -11.23 23.77
CA PHE C 13 -1.44 -10.13 23.61
C PHE C 13 -2.08 -8.73 23.63
N ARG C 14 -3.38 -8.64 23.36
CA ARG C 14 -4.14 -7.41 23.62
C ARG C 14 -4.16 -7.08 25.11
N PHE C 15 -4.44 -8.10 25.93
CA PHE C 15 -4.51 -7.93 27.39
C PHE C 15 -3.16 -7.69 28.07
N LYS C 16 -2.06 -8.01 27.38
CA LYS C 16 -0.72 -7.67 27.87
C LYS C 16 -0.43 -6.16 27.86
N HIS C 17 -1.03 -5.43 26.91
CA HIS C 17 -0.73 -4.01 26.70
C HIS C 17 -1.85 -3.02 27.09
N ASN C 18 -3.09 -3.48 27.25
CA ASN C 18 -4.19 -2.60 27.69
C ASN C 18 -4.06 -2.17 29.16
N ASN C 19 -3.64 -3.12 30.01
CA ASN C 19 -3.27 -2.85 31.41
C ASN C 19 -2.51 -4.06 31.98
N SER C 20 -1.68 -3.81 32.99
CA SER C 20 -0.84 -4.85 33.60
C SER C 20 -1.39 -5.44 34.90
N LYS C 21 -2.27 -4.69 35.59
CA LYS C 21 -2.60 -4.97 36.99
C LYS C 21 -3.42 -6.24 37.26
N LYS C 22 -4.50 -6.45 36.51
CA LYS C 22 -5.39 -7.60 36.74
C LYS C 22 -4.84 -8.91 36.15
N PRO C 23 -5.33 -10.08 36.64
CA PRO C 23 -5.00 -11.35 35.98
C PRO C 23 -5.72 -11.60 34.64
N PHE C 24 -6.73 -10.79 34.34
CA PHE C 24 -7.47 -10.79 33.06
C PHE C 24 -8.20 -12.07 32.61
N ALA C 25 -8.25 -13.12 33.45
CA ALA C 25 -8.89 -14.37 33.05
C ALA C 25 -10.38 -14.19 32.78
N SER C 26 -11.10 -13.63 33.77
CA SER C 26 -12.53 -13.32 33.63
C SER C 26 -12.79 -12.33 32.50
N SER C 27 -11.94 -11.31 32.40
CA SER C 27 -12.05 -10.28 31.35
C SER C 27 -11.82 -10.84 29.95
N TYR C 28 -10.95 -11.85 29.85
CA TYR C 28 -10.66 -12.54 28.59
C TYR C 28 -11.88 -13.32 28.10
N VAL C 29 -12.50 -14.09 28.98
CA VAL C 29 -13.66 -14.92 28.60
C VAL C 29 -14.89 -14.06 28.28
N SER C 30 -15.18 -13.06 29.10
CA SER C 30 -16.30 -12.14 28.86
C SER C 30 -16.14 -11.32 27.56
N THR C 31 -14.90 -11.02 27.19
CA THR C 31 -14.63 -10.39 25.89
C THR C 31 -15.05 -11.32 24.75
N ILE C 32 -14.72 -12.61 24.87
CA ILE C 32 -15.09 -13.61 23.85
C ILE C 32 -16.62 -13.83 23.80
N GLN C 33 -17.27 -13.88 24.97
CA GLN C 33 -18.73 -14.00 25.04
C GLN C 33 -19.44 -12.82 24.39
N SER C 34 -18.97 -11.61 24.72
CA SER C 34 -19.47 -10.37 24.13
C SER C 34 -19.35 -10.35 22.58
N LEU C 35 -18.22 -10.84 22.07
CA LEU C 35 -17.99 -10.94 20.61
C LEU C 35 -18.89 -11.95 19.90
N ALA C 36 -19.07 -13.12 20.51
CA ALA C 36 -19.95 -14.18 19.98
C ALA C 36 -21.38 -13.69 19.79
N LYS C 37 -21.81 -12.79 20.67
CA LYS C 37 -23.15 -12.20 20.63
C LYS C 37 -23.25 -11.14 19.54
N SER C 38 -22.20 -10.33 19.36
CA SER C 38 -22.11 -9.34 18.27
C SER C 38 -22.19 -10.00 16.89
N TYR C 39 -21.41 -11.07 16.70
CA TYR C 39 -21.38 -11.83 15.43
C TYR C 39 -22.32 -13.06 15.37
N SER C 40 -23.30 -13.12 16.26
CA SER C 40 -24.41 -14.10 16.22
C SER C 40 -23.92 -15.55 16.06
N ALA C 41 -22.94 -15.91 16.88
CA ALA C 41 -22.30 -17.23 16.78
C ALA C 41 -23.03 -18.25 17.65
N ARG C 42 -23.58 -19.30 17.02
CA ARG C 42 -24.03 -20.50 17.75
C ARG C 42 -22.86 -21.43 18.11
N THR C 43 -21.69 -21.22 17.48
CA THR C 43 -20.47 -21.98 17.80
C THR C 43 -19.25 -21.05 17.91
N THR C 44 -18.60 -21.05 19.07
CA THR C 44 -17.34 -20.35 19.30
C THR C 44 -16.25 -21.37 19.64
N ILE C 45 -15.19 -21.40 18.81
CA ILE C 45 -14.01 -22.26 19.03
C ILE C 45 -12.80 -21.36 19.29
N VAL C 46 -12.14 -21.57 20.43
CA VAL C 46 -10.98 -20.78 20.82
C VAL C 46 -9.71 -21.58 20.58
N LEU C 47 -8.83 -21.06 19.72
CA LEU C 47 -7.55 -21.70 19.40
C LEU C 47 -6.42 -21.01 20.14
N GLY C 48 -5.39 -21.78 20.50
CA GLY C 48 -4.19 -21.25 21.15
C GLY C 48 -2.94 -21.77 20.47
N ASP C 49 -1.88 -20.97 20.46
CA ASP C 49 -0.58 -21.40 19.94
C ASP C 49 0.19 -22.21 21.01
N LYS C 50 0.95 -23.22 20.56
CA LYS C 50 1.77 -24.04 21.45
C LYS C 50 2.97 -24.61 20.70
N GLY C 51 4.08 -23.88 20.73
CA GLY C 51 5.33 -24.28 20.10
C GLY C 51 5.40 -23.88 18.63
N LYS C 52 6.59 -23.94 18.05
CA LYS C 52 6.78 -23.66 16.62
C LYS C 52 6.10 -24.71 15.72
N SER C 53 5.73 -24.29 14.51
CA SER C 53 5.09 -25.16 13.52
C SER C 53 6.04 -26.24 13.00
N VAL C 54 5.71 -27.49 13.29
CA VAL C 54 6.52 -28.63 12.84
C VAL C 54 6.54 -28.65 11.30
N PHE C 55 5.37 -28.46 10.70
CA PHE C 55 5.23 -28.41 9.24
C PHE C 55 6.16 -27.38 8.59
N ARG C 56 6.10 -26.14 9.05
CA ARG C 56 6.88 -25.06 8.44
C ARG C 56 8.38 -25.16 8.67
N LEU C 57 8.78 -25.71 9.83
CA LEU C 57 10.18 -26.00 10.12
C LEU C 57 10.79 -27.07 9.19
N GLU C 58 9.99 -28.06 8.80
CA GLU C 58 10.43 -29.05 7.81
C GLU C 58 10.70 -28.48 6.42
N HIS C 59 9.95 -27.43 6.05
CA HIS C 59 10.18 -26.73 4.77
C HIS C 59 11.15 -25.56 4.88
N LEU C 60 11.20 -24.91 6.04
CA LEU C 60 12.17 -23.85 6.34
C LEU C 60 12.64 -23.99 7.78
N PRO C 61 13.76 -24.70 8.02
CA PRO C 61 14.26 -24.91 9.38
C PRO C 61 14.52 -23.65 10.22
N GLU C 62 14.81 -22.53 9.58
CA GLU C 62 15.03 -21.26 10.30
C GLU C 62 13.77 -20.37 10.39
N TYR C 63 12.60 -20.96 10.11
CA TYR C 63 11.32 -20.29 10.35
C TYR C 63 11.24 -19.78 11.76
N LYS C 64 10.98 -18.48 11.89
CA LYS C 64 10.92 -17.77 13.18
C LYS C 64 12.20 -17.86 14.03
N GLY C 65 13.35 -18.01 13.34
CA GLY C 65 14.64 -18.07 14.01
C GLY C 65 15.06 -16.75 14.62
N ASN C 66 14.63 -15.65 14.01
CA ASN C 66 14.75 -14.31 14.60
C ASN C 66 14.02 -14.18 15.96
N ARG C 67 12.87 -14.83 16.11
CA ARG C 67 12.13 -14.83 17.38
C ARG C 67 12.80 -15.72 18.42
N ASP C 68 13.41 -16.82 17.98
CA ASP C 68 14.25 -17.63 18.87
C ASP C 68 15.41 -16.80 19.46
N GLU C 69 16.12 -16.06 18.60
CA GLU C 69 17.26 -15.22 19.04
C GLU C 69 16.83 -14.17 20.07
N LYS C 70 15.76 -13.44 19.76
CA LYS C 70 15.18 -12.44 20.67
C LYS C 70 14.78 -13.09 22.00
N TYR C 71 14.09 -14.23 21.93
CA TYR C 71 13.72 -15.01 23.13
C TYR C 71 14.95 -15.41 23.96
N ALA C 72 15.97 -15.92 23.27
CA ALA C 72 17.23 -16.32 23.92
C ALA C 72 17.98 -15.15 24.55
N GLN C 73 17.89 -13.98 23.93
CA GLN C 73 18.62 -12.78 24.38
C GLN C 73 17.75 -11.78 25.18
N ARG C 74 16.65 -12.25 25.76
CA ARG C 74 15.83 -11.43 26.66
C ARG C 74 16.59 -11.12 27.94
N THR C 75 16.44 -9.89 28.46
CA THR C 75 16.96 -9.53 29.78
C THR C 75 16.19 -10.30 30.88
N GLU C 76 16.75 -10.30 32.08
CA GLU C 76 16.13 -10.98 33.22
C GLU C 76 14.74 -10.39 33.54
N GLU C 77 14.60 -9.09 33.36
CA GLU C 77 13.34 -8.37 33.69
C GLU C 77 12.27 -8.60 32.62
N GLU C 78 12.67 -8.61 31.35
CA GLU C 78 11.81 -9.06 30.25
C GLU C 78 11.31 -10.49 30.50
N LYS C 79 12.20 -11.35 30.99
CA LYS C 79 11.89 -12.75 31.31
C LYS C 79 10.84 -12.88 32.41
N ALA C 80 11.00 -12.07 33.47
CA ALA C 80 10.05 -12.04 34.58
C ALA C 80 8.64 -11.59 34.17
N LEU C 81 8.58 -10.61 33.26
CA LEU C 81 7.31 -10.09 32.76
C LEU C 81 6.58 -11.09 31.86
N ASP C 82 7.34 -11.82 31.04
CA ASP C 82 6.76 -12.88 30.20
C ASP C 82 6.17 -14.02 31.04
N GLU C 83 6.92 -14.47 32.05
CA GLU C 83 6.44 -15.55 32.92
C GLU C 83 5.18 -15.15 33.69
N GLN C 84 5.13 -13.90 34.16
CA GLN C 84 3.92 -13.34 34.75
C GLN C 84 2.75 -13.41 33.76
N PHE C 85 3.01 -12.98 32.52
CA PHE C 85 1.98 -12.95 31.49
C PHE C 85 1.49 -14.35 31.09
N PHE C 86 2.42 -15.29 30.85
CA PHE C 86 2.04 -16.63 30.39
C PHE C 86 1.27 -17.44 31.44
N GLU C 87 1.48 -17.14 32.71
CA GLU C 87 0.68 -17.73 33.79
C GLU C 87 -0.76 -17.23 33.73
N TYR C 88 -0.94 -15.93 33.53
CA TYR C 88 -2.27 -15.34 33.38
C TYR C 88 -2.99 -15.85 32.12
N LEU C 89 -2.24 -16.05 31.04
CA LEU C 89 -2.81 -16.59 29.80
C LEU C 89 -3.22 -18.04 29.98
N LYS C 90 -2.38 -18.81 30.67
CA LYS C 90 -2.72 -20.20 31.05
C LYS C 90 -4.05 -20.26 31.81
N ASP C 91 -4.18 -19.40 32.84
CA ASP C 91 -5.42 -19.31 33.62
C ASP C 91 -6.62 -18.91 32.77
N ALA C 92 -6.40 -17.99 31.82
CA ALA C 92 -7.44 -17.55 30.90
C ALA C 92 -7.93 -18.69 30.01
N PHE C 93 -6.99 -19.44 29.43
CA PHE C 93 -7.33 -20.60 28.59
C PHE C 93 -8.06 -21.73 29.34
N GLU C 94 -7.69 -21.97 30.59
CA GLU C 94 -8.35 -23.01 31.41
C GLU C 94 -9.79 -22.65 31.74
N LEU C 95 -10.00 -21.39 32.14
CA LEU C 95 -11.35 -20.85 32.36
C LEU C 95 -12.16 -20.89 31.07
N CYS C 96 -11.52 -20.54 29.96
CA CYS C 96 -12.12 -20.55 28.63
C CYS C 96 -12.60 -21.95 28.19
N LYS C 97 -11.82 -22.99 28.48
CA LYS C 97 -12.19 -24.38 28.14
C LYS C 97 -13.45 -24.91 28.85
N THR C 98 -13.78 -24.35 30.02
CA THR C 98 -15.03 -24.69 30.72
C THR C 98 -16.28 -24.06 30.06
N THR C 99 -16.07 -22.96 29.30
CA THR C 99 -17.15 -22.25 28.62
C THR C 99 -17.23 -22.57 27.12
N PHE C 100 -16.08 -22.64 26.45
CA PHE C 100 -16.02 -22.87 24.99
C PHE C 100 -15.15 -24.07 24.65
N PRO C 101 -15.41 -24.70 23.49
CA PRO C 101 -14.43 -25.62 22.91
C PRO C 101 -13.08 -24.92 22.69
N THR C 102 -12.02 -25.47 23.27
CA THR C 102 -10.70 -24.85 23.26
C THR C 102 -9.65 -25.89 22.87
N PHE C 103 -8.85 -25.57 21.84
CA PHE C 103 -7.84 -26.47 21.29
C PHE C 103 -6.46 -25.82 21.28
N THR C 104 -5.50 -26.51 21.88
CA THR C 104 -4.08 -26.27 21.67
C THR C 104 -3.45 -27.61 21.29
N ILE C 105 -2.64 -27.60 20.23
CA ILE C 105 -1.98 -28.80 19.73
C ILE C 105 -0.51 -28.49 19.54
N ARG C 106 0.34 -29.19 20.29
CA ARG C 106 1.80 -29.01 20.22
C ARG C 106 2.27 -29.17 18.77
N GLY C 107 2.91 -28.13 18.24
CA GLY C 107 3.52 -28.20 16.91
C GLY C 107 2.65 -27.76 15.75
N VAL C 108 1.41 -27.33 16.05
CA VAL C 108 0.49 -26.82 15.05
C VAL C 108 0.10 -25.37 15.39
N GLU C 109 0.30 -24.47 14.44
CA GLU C 109 -0.14 -23.08 14.60
C GLU C 109 -1.67 -22.98 14.55
N ALA C 110 -2.21 -21.96 15.22
CA ALA C 110 -3.65 -21.71 15.25
C ALA C 110 -4.16 -21.35 13.85
N ASP C 111 -3.30 -20.73 13.05
CA ASP C 111 -3.56 -20.46 11.63
C ASP C 111 -4.06 -21.71 10.88
N ASP C 112 -3.40 -22.84 11.10
CA ASP C 112 -3.70 -24.09 10.39
C ASP C 112 -4.97 -24.76 10.90
N MET C 113 -5.18 -24.73 12.20
CA MET C 113 -6.42 -25.24 12.80
C MET C 113 -7.63 -24.48 12.27
N ALA C 114 -7.56 -23.15 12.27
CA ALA C 114 -8.64 -22.28 11.78
C ALA C 114 -8.94 -22.56 10.30
N ALA C 115 -7.89 -22.61 9.49
CA ALA C 115 -8.01 -22.94 8.07
C ALA C 115 -8.78 -24.25 7.85
N TYR C 116 -8.39 -25.28 8.58
CA TYR C 116 -8.98 -26.62 8.45
C TYR C 116 -10.44 -26.68 8.95
N ILE C 117 -10.74 -25.96 10.04
CA ILE C 117 -12.10 -25.84 10.56
C ILE C 117 -13.04 -25.20 9.51
N VAL C 118 -12.56 -24.15 8.82
CA VAL C 118 -13.34 -23.50 7.75
C VAL C 118 -13.64 -24.47 6.60
N LYS C 119 -12.60 -25.19 6.15
CA LYS C 119 -12.76 -26.25 5.14
C LYS C 119 -13.73 -27.33 5.59
N LEU C 120 -13.66 -27.72 6.86
CA LEU C 120 -14.41 -28.86 7.37
C LEU C 120 -15.90 -28.53 7.60
N ILE C 121 -16.18 -27.47 8.36
CA ILE C 121 -17.56 -27.16 8.80
C ILE C 121 -18.11 -25.78 8.36
N GLY C 122 -17.41 -25.09 7.45
CA GLY C 122 -17.83 -23.78 6.96
C GLY C 122 -19.19 -23.74 6.31
N HIS C 123 -19.53 -24.81 5.57
CA HIS C 123 -20.84 -24.96 4.94
C HIS C 123 -22.04 -25.03 5.91
N LEU C 124 -21.80 -25.40 7.17
CA LEU C 124 -22.87 -25.52 8.19
C LEU C 124 -23.36 -24.20 8.78
N TYR C 125 -22.73 -23.08 8.43
CA TYR C 125 -23.10 -21.75 8.97
C TYR C 125 -23.33 -20.76 7.84
N ASP C 126 -24.05 -19.68 8.15
CA ASP C 126 -24.28 -18.58 7.20
C ASP C 126 -22.99 -17.83 6.91
N HIS C 127 -22.26 -17.49 7.98
CA HIS C 127 -21.04 -16.70 7.88
C HIS C 127 -20.05 -17.11 8.97
N VAL C 128 -18.76 -17.01 8.67
CA VAL C 128 -17.69 -17.37 9.62
C VAL C 128 -16.93 -16.11 9.99
N TRP C 129 -16.73 -15.90 11.29
CA TRP C 129 -15.99 -14.73 11.80
C TRP C 129 -14.70 -15.11 12.51
N LEU C 130 -13.57 -14.71 11.93
CA LEU C 130 -12.25 -14.94 12.53
C LEU C 130 -11.87 -13.75 13.43
N ILE C 131 -11.49 -14.03 14.68
CA ILE C 131 -11.09 -12.97 15.61
C ILE C 131 -9.58 -12.98 15.76
N SER C 132 -8.93 -12.07 15.03
CA SER C 132 -7.47 -12.01 14.96
C SER C 132 -7.00 -10.66 14.43
N THR C 133 -5.93 -10.14 15.02
CA THR C 133 -5.27 -8.94 14.50
C THR C 133 -4.21 -9.27 13.44
N LYS C 134 -3.96 -10.55 13.16
CA LYS C 134 -2.97 -10.95 12.16
C LYS C 134 -3.54 -10.83 10.76
N GLY C 135 -2.93 -9.98 9.94
CA GLY C 135 -3.26 -9.88 8.51
C GLY C 135 -3.12 -11.20 7.75
N ASP C 136 -2.13 -12.01 8.13
CA ASP C 136 -1.95 -13.40 7.68
C ASP C 136 -3.25 -14.20 7.58
N TRP C 137 -4.15 -14.01 8.56
CA TRP C 137 -5.41 -14.75 8.59
C TRP C 137 -6.38 -14.39 7.45
N ASP C 138 -6.13 -13.29 6.75
CA ASP C 138 -6.92 -12.97 5.54
C ASP C 138 -6.66 -13.90 4.33
N THR C 139 -5.66 -14.78 4.42
CA THR C 139 -5.54 -15.89 3.45
C THR C 139 -6.72 -16.85 3.52
N LEU C 140 -7.44 -16.84 4.64
CA LEU C 140 -8.62 -17.69 4.87
C LEU C 140 -9.95 -17.08 4.43
N LEU C 141 -9.96 -15.81 4.03
CA LEU C 141 -11.22 -15.14 3.65
C LEU C 141 -11.84 -15.77 2.41
N THR C 142 -13.17 -15.77 2.38
CA THR C 142 -13.95 -16.21 1.23
C THR C 142 -15.15 -15.29 1.17
N ASP C 143 -16.12 -15.60 0.30
CA ASP C 143 -17.40 -14.89 0.28
C ASP C 143 -18.09 -14.85 1.64
N LYS C 144 -17.96 -15.93 2.43
CA LYS C 144 -18.66 -16.10 3.71
C LYS C 144 -17.73 -16.26 4.93
N VAL C 145 -16.45 -15.86 4.79
CA VAL C 145 -15.50 -15.86 5.91
C VAL C 145 -14.86 -14.47 6.01
N SER C 146 -15.07 -13.82 7.15
CA SER C 146 -14.54 -12.47 7.41
C SER C 146 -13.78 -12.45 8.73
N ARG C 147 -13.07 -11.35 8.99
CA ARG C 147 -12.20 -11.20 10.15
C ARG C 147 -12.47 -9.87 10.86
N PHE C 148 -12.46 -9.89 12.20
CA PHE C 148 -12.48 -8.68 13.01
C PHE C 148 -11.16 -8.51 13.77
N SER C 149 -10.58 -7.31 13.72
CA SER C 149 -9.34 -6.97 14.43
C SER C 149 -9.58 -5.97 15.56
N PHE C 150 -9.19 -6.32 16.77
CA PHE C 150 -9.15 -5.38 17.90
C PHE C 150 -8.14 -4.24 17.74
N THR C 151 -7.08 -4.46 16.96
CA THR C 151 -6.03 -3.45 16.75
C THR C 151 -6.58 -2.27 15.95
N THR C 152 -7.12 -2.56 14.77
CA THR C 152 -7.66 -1.54 13.87
C THR C 152 -9.14 -1.20 14.13
N ARG C 153 -9.86 -2.08 14.84
CA ARG C 153 -11.32 -1.97 15.05
C ARG C 153 -12.12 -2.15 13.76
N ARG C 154 -11.52 -2.78 12.75
CA ARG C 154 -12.13 -2.92 11.43
C ARG C 154 -12.58 -4.36 11.17
N GLU C 155 -13.57 -4.51 10.30
CA GLU C 155 -14.00 -5.81 9.80
C GLU C 155 -13.43 -6.00 8.40
N TYR C 156 -12.93 -7.19 8.11
CA TYR C 156 -12.24 -7.49 6.85
C TYR C 156 -13.04 -8.49 6.03
N HIS C 157 -13.48 -8.08 4.84
CA HIS C 157 -14.25 -8.93 3.92
C HIS C 157 -13.48 -9.16 2.62
N LEU C 158 -13.83 -10.23 1.91
CA LEU C 158 -13.19 -10.59 0.63
C LEU C 158 -13.34 -9.49 -0.43
N ARG C 159 -14.54 -8.93 -0.54
CA ARG C 159 -14.80 -7.85 -1.50
C ARG C 159 -13.88 -6.63 -1.35
N ASP C 160 -13.43 -6.35 -0.12
CA ASP C 160 -12.54 -5.21 0.18
C ASP C 160 -11.05 -5.59 0.23
N MET C 161 -10.65 -6.61 -0.54
CA MET C 161 -9.28 -7.13 -0.46
C MET C 161 -8.24 -6.09 -0.89
N TYR C 162 -8.57 -5.28 -1.89
CA TYR C 162 -7.62 -4.27 -2.37
C TYR C 162 -7.40 -3.15 -1.36
N GLU C 163 -8.47 -2.65 -0.77
CA GLU C 163 -8.40 -1.68 0.33
C GLU C 163 -7.42 -2.13 1.41
N HIS C 164 -7.51 -3.41 1.79
CA HIS C 164 -6.78 -3.93 2.95
C HIS C 164 -5.37 -4.43 2.64
N HIS C 165 -5.17 -5.04 1.48
CA HIS C 165 -3.88 -5.67 1.14
C HIS C 165 -3.30 -5.35 -0.24
N ASN C 166 -3.90 -4.39 -0.97
CA ASN C 166 -3.46 -4.03 -2.33
C ASN C 166 -3.32 -5.23 -3.29
N VAL C 167 -4.28 -6.15 -3.19
CA VAL C 167 -4.43 -7.27 -4.13
C VAL C 167 -5.93 -7.53 -4.33
N ASP C 168 -6.28 -8.18 -5.44
CA ASP C 168 -7.68 -8.33 -5.84
C ASP C 168 -8.41 -9.44 -5.10
N ASP C 169 -7.71 -10.53 -4.77
CA ASP C 169 -8.33 -11.71 -4.14
C ASP C 169 -7.32 -12.50 -3.32
N VAL C 170 -7.79 -13.57 -2.67
CA VAL C 170 -6.97 -14.40 -1.79
C VAL C 170 -5.80 -15.08 -2.51
N GLU C 171 -6.04 -15.58 -3.73
CA GLU C 171 -4.98 -16.28 -4.47
C GLU C 171 -3.81 -15.34 -4.81
N GLN C 172 -4.14 -14.07 -5.14
CA GLN C 172 -3.13 -13.04 -5.34
C GLN C 172 -2.42 -12.67 -4.03
N PHE C 173 -3.17 -12.65 -2.93
CA PHE C 173 -2.60 -12.38 -1.60
C PHE C 173 -1.54 -13.43 -1.24
N ILE C 174 -1.89 -14.71 -1.44
CA ILE C 174 -0.99 -15.83 -1.18
C ILE C 174 0.26 -15.75 -2.06
N SER C 175 0.05 -15.48 -3.34
CA SER C 175 1.14 -15.30 -4.30
C SER C 175 2.06 -14.14 -3.92
N LEU C 176 1.47 -13.01 -3.53
CA LEU C 176 2.25 -11.84 -3.12
C LEU C 176 3.06 -12.10 -1.84
N LYS C 177 2.47 -12.78 -0.86
CA LYS C 177 3.20 -13.18 0.34
C LYS C 177 4.38 -14.10 0.01
N ALA C 178 4.15 -15.04 -0.90
CA ALA C 178 5.21 -15.95 -1.35
C ALA C 178 6.39 -15.22 -1.98
N ILE C 179 6.10 -14.20 -2.79
CA ILE C 179 7.13 -13.38 -3.46
C ILE C 179 7.83 -12.44 -2.49
N MET C 180 7.07 -11.84 -1.58
CA MET C 180 7.61 -10.84 -0.65
C MET C 180 8.28 -11.44 0.57
N GLY C 181 7.80 -12.60 1.01
CA GLY C 181 8.26 -13.20 2.25
C GLY C 181 7.73 -12.41 3.44
N ASP C 182 8.44 -12.54 4.55
CA ASP C 182 8.05 -11.90 5.80
C ASP C 182 9.28 -11.93 6.74
N LEU C 183 9.85 -10.75 6.98
CA LEU C 183 10.99 -10.60 7.89
C LEU C 183 10.65 -10.98 9.34
N GLY C 184 9.42 -10.68 9.77
CA GLY C 184 8.91 -11.08 11.09
C GLY C 184 8.98 -12.57 11.38
N ASP C 185 8.79 -13.40 10.35
CA ASP C 185 8.86 -14.86 10.46
C ASP C 185 10.16 -15.44 9.90
N ASN C 186 11.12 -14.58 9.56
CA ASN C 186 12.41 -15.00 9.00
C ASN C 186 12.29 -15.74 7.65
N ILE C 187 11.31 -15.33 6.85
CA ILE C 187 11.12 -15.85 5.49
C ILE C 187 11.63 -14.80 4.54
N ARG C 188 12.70 -15.11 3.82
CA ARG C 188 13.24 -14.21 2.81
C ARG C 188 12.34 -14.21 1.59
N GLY C 189 12.20 -13.04 0.96
CA GLY C 189 11.52 -12.90 -0.32
C GLY C 189 12.47 -12.45 -1.41
N VAL C 190 11.92 -12.13 -2.58
CA VAL C 190 12.71 -11.76 -3.74
C VAL C 190 13.17 -10.32 -3.56
N GLU C 191 14.48 -10.09 -3.61
CA GLU C 191 15.05 -8.77 -3.37
C GLU C 191 14.59 -7.77 -4.45
N GLY C 192 14.14 -6.59 -4.02
CA GLY C 192 13.61 -5.55 -4.91
C GLY C 192 12.12 -5.62 -5.26
N ILE C 193 11.39 -6.63 -4.75
CA ILE C 193 9.97 -6.78 -5.08
C ILE C 193 9.10 -6.64 -3.83
N GLY C 194 8.38 -5.53 -3.75
CA GLY C 194 7.43 -5.25 -2.67
C GLY C 194 6.00 -5.37 -3.17
N ALA C 195 5.08 -4.70 -2.48
CA ALA C 195 3.65 -4.76 -2.81
C ALA C 195 3.31 -4.32 -4.23
N LYS C 196 3.91 -3.22 -4.70
CA LYS C 196 3.55 -2.65 -6.00
C LYS C 196 4.06 -3.47 -7.19
N ARG C 197 5.36 -3.73 -7.25
CA ARG C 197 5.92 -4.56 -8.33
C ARG C 197 5.37 -5.99 -8.27
N GLY C 198 5.20 -6.52 -7.06
CA GLY C 198 4.60 -7.82 -6.86
C GLY C 198 3.21 -7.94 -7.45
N TYR C 199 2.37 -6.93 -7.18
CA TYR C 199 1.02 -6.85 -7.75
C TYR C 199 1.01 -6.77 -9.28
N ASN C 200 1.87 -5.92 -9.84
CA ASN C 200 1.99 -5.77 -11.30
C ASN C 200 2.41 -7.06 -11.99
N ILE C 201 3.39 -7.75 -11.41
CA ILE C 201 3.86 -9.05 -11.94
C ILE C 201 2.74 -10.09 -11.90
N ILE C 202 2.00 -10.16 -10.79
CA ILE C 202 0.89 -11.11 -10.66
C ILE C 202 -0.25 -10.81 -11.65
N ARG C 203 -0.59 -9.53 -11.83
CA ARG C 203 -1.62 -9.14 -12.81
C ARG C 203 -1.22 -9.44 -14.24
N GLU C 204 0.04 -9.17 -14.57
CA GLU C 204 0.56 -9.40 -15.92
C GLU C 204 0.76 -10.89 -16.24
N PHE C 205 1.35 -11.65 -15.32
CA PHE C 205 1.75 -13.04 -15.57
C PHE C 205 0.93 -14.13 -14.87
N GLY C 206 0.07 -13.74 -13.93
CA GLY C 206 -0.71 -14.71 -13.13
C GLY C 206 -0.09 -15.03 -11.78
N ASN C 207 -0.64 -16.05 -11.12
CA ASN C 207 -0.20 -16.46 -9.78
C ASN C 207 1.20 -17.12 -9.80
N VAL C 208 1.73 -17.41 -8.62
CA VAL C 208 3.14 -17.84 -8.46
C VAL C 208 3.53 -19.06 -9.29
N LEU C 209 2.67 -20.07 -9.36
CA LEU C 209 2.96 -21.26 -10.14
C LEU C 209 3.06 -20.93 -11.63
N ASP C 210 2.15 -20.07 -12.09
CA ASP C 210 2.17 -19.57 -13.47
C ASP C 210 3.41 -18.72 -13.77
N ILE C 211 3.86 -17.94 -12.78
CA ILE C 211 5.10 -17.16 -12.89
C ILE C 211 6.32 -18.09 -13.04
N ILE C 212 6.38 -19.14 -12.23
CA ILE C 212 7.50 -20.10 -12.25
C ILE C 212 7.68 -20.74 -13.62
N ASP C 213 6.57 -21.20 -14.22
CA ASP C 213 6.58 -21.81 -15.56
C ASP C 213 7.19 -20.90 -16.65
N GLN C 214 7.00 -19.59 -16.50
CA GLN C 214 7.42 -18.60 -17.49
C GLN C 214 8.83 -18.03 -17.27
N LEU C 215 9.53 -18.46 -16.24
CA LEU C 215 10.89 -17.96 -15.97
C LEU C 215 11.86 -18.48 -17.05
N PRO C 216 12.78 -17.64 -17.55
CA PRO C 216 12.97 -16.25 -17.12
C PRO C 216 11.99 -15.28 -17.77
N LEU C 217 11.46 -14.34 -16.98
CA LEU C 217 10.60 -13.28 -17.49
C LEU C 217 11.45 -12.21 -18.20
N PRO C 218 10.86 -11.49 -19.16
CA PRO C 218 11.61 -10.45 -19.87
C PRO C 218 11.77 -9.17 -19.04
N GLY C 219 12.92 -8.52 -19.20
CA GLY C 219 13.28 -7.34 -18.42
C GLY C 219 14.74 -7.41 -17.99
N LYS C 220 15.40 -6.26 -17.98
CA LYS C 220 16.81 -6.15 -17.57
C LYS C 220 16.97 -5.55 -16.17
N GLN C 221 15.85 -5.27 -15.50
CA GLN C 221 15.87 -4.66 -14.17
C GLN C 221 16.39 -5.70 -13.19
N LYS C 222 17.08 -5.23 -12.15
CA LYS C 222 17.69 -6.12 -11.17
C LYS C 222 16.66 -7.00 -10.46
N TYR C 223 15.48 -6.44 -10.15
CA TYR C 223 14.44 -7.21 -9.44
C TYR C 223 13.84 -8.33 -10.30
N ILE C 224 13.74 -8.10 -11.62
CA ILE C 224 13.34 -9.15 -12.55
C ILE C 224 14.43 -10.22 -12.62
N GLN C 225 15.69 -9.78 -12.62
CA GLN C 225 16.85 -10.69 -12.59
C GLN C 225 16.80 -11.57 -11.34
N ASN C 226 16.57 -10.95 -10.19
CA ASN C 226 16.47 -11.68 -8.92
C ASN C 226 15.32 -12.68 -8.93
N LEU C 227 14.16 -12.27 -9.45
CA LEU C 227 13.00 -13.18 -9.59
C LEU C 227 13.30 -14.39 -10.46
N ASN C 228 14.00 -14.17 -11.57
CA ASN C 228 14.36 -15.26 -12.48
C ASN C 228 15.26 -16.33 -11.86
N ALA C 229 16.03 -15.95 -10.82
CA ALA C 229 16.87 -16.88 -10.07
C ALA C 229 16.25 -17.40 -8.77
N SER C 230 14.94 -17.17 -8.56
CA SER C 230 14.29 -17.40 -7.25
C SER C 230 13.27 -18.56 -7.23
N GLU C 231 13.33 -19.45 -8.22
CA GLU C 231 12.38 -20.56 -8.34
C GLU C 231 12.22 -21.36 -7.04
N GLU C 232 13.33 -21.73 -6.43
CA GLU C 232 13.30 -22.55 -5.20
C GLU C 232 12.65 -21.79 -4.04
N LEU C 233 13.04 -20.53 -3.88
CA LEU C 233 12.46 -19.63 -2.87
C LEU C 233 10.94 -19.49 -3.00
N LEU C 234 10.45 -19.32 -4.22
CA LEU C 234 9.02 -19.16 -4.48
C LEU C 234 8.22 -20.44 -4.17
N PHE C 235 8.72 -21.59 -4.61
CA PHE C 235 8.09 -22.89 -4.28
C PHE C 235 8.02 -23.10 -2.76
N ARG C 236 9.13 -22.84 -2.08
CA ARG C 236 9.21 -23.01 -0.63
C ARG C 236 8.25 -22.06 0.08
N ASN C 237 8.29 -20.78 -0.27
CA ASN C 237 7.48 -19.76 0.39
C ASN C 237 5.98 -19.98 0.21
N LEU C 238 5.60 -20.47 -0.97
CA LEU C 238 4.21 -20.82 -1.27
C LEU C 238 3.67 -21.86 -0.29
N ILE C 239 4.47 -22.88 0.01
CA ILE C 239 4.09 -23.91 0.99
C ILE C 239 3.94 -23.31 2.40
N LEU C 240 4.80 -22.36 2.75
CA LEU C 240 4.73 -21.70 4.06
C LEU C 240 3.51 -20.79 4.25
N VAL C 241 3.05 -20.14 3.19
CA VAL C 241 1.98 -19.12 3.26
C VAL C 241 0.59 -19.55 2.78
N ASP C 242 0.51 -20.61 1.97
CA ASP C 242 -0.76 -21.08 1.41
C ASP C 242 -1.51 -21.96 2.42
N LEU C 243 -2.13 -21.31 3.39
CA LEU C 243 -2.85 -22.01 4.47
C LEU C 243 -3.94 -22.98 4.02
N PRO C 244 -4.87 -22.53 3.14
CA PRO C 244 -5.96 -23.43 2.69
C PRO C 244 -5.50 -24.73 2.03
N THR C 245 -4.42 -24.67 1.24
CA THR C 245 -3.87 -25.84 0.55
C THR C 245 -3.20 -26.82 1.52
N TYR C 246 -2.45 -26.31 2.49
CA TYR C 246 -1.55 -27.14 3.28
C TYR C 246 -1.97 -27.35 4.74
N CYS C 247 -3.10 -26.78 5.15
CA CYS C 247 -3.53 -26.88 6.55
C CYS C 247 -3.67 -28.34 7.04
N VAL C 248 -4.15 -29.21 6.15
CA VAL C 248 -4.33 -30.64 6.48
C VAL C 248 -2.98 -31.30 6.75
N ASP C 249 -2.04 -31.12 5.83
CA ASP C 249 -0.67 -31.62 5.98
C ASP C 249 -0.04 -31.08 7.27
N ALA C 250 -0.26 -29.80 7.56
CA ALA C 250 0.30 -29.16 8.76
C ALA C 250 -0.14 -29.84 10.06
N ILE C 251 -1.40 -30.24 10.13
CA ILE C 251 -1.91 -30.95 11.30
C ILE C 251 -1.40 -32.39 11.29
N ALA C 252 -1.42 -33.03 10.10
CA ALA C 252 -0.89 -34.39 9.92
C ALA C 252 0.58 -34.53 10.30
N ALA C 253 1.34 -33.44 10.18
CA ALA C 253 2.76 -33.45 10.53
C ALA C 253 3.07 -33.79 12.00
N VAL C 254 2.13 -33.56 12.92
CA VAL C 254 2.30 -33.97 14.32
C VAL C 254 1.66 -35.33 14.65
N GLY C 255 1.09 -36.02 13.66
CA GLY C 255 0.53 -37.37 13.84
C GLY C 255 -0.82 -37.50 13.16
N GLN C 256 -0.99 -38.58 12.40
CA GLN C 256 -2.27 -38.86 11.71
C GLN C 256 -3.41 -39.04 12.74
N ASP C 257 -3.10 -39.71 13.84
CA ASP C 257 -4.03 -39.87 14.97
C ASP C 257 -4.52 -38.53 15.55
N VAL C 258 -3.62 -37.54 15.63
CA VAL C 258 -3.97 -36.21 16.13
C VAL C 258 -4.90 -35.53 15.14
N LEU C 259 -4.61 -35.65 13.85
CA LEU C 259 -5.49 -35.15 12.78
C LEU C 259 -6.88 -35.82 12.81
N ASP C 260 -6.91 -37.14 12.99
CA ASP C 260 -8.18 -37.88 13.03
C ASP C 260 -9.05 -37.53 14.24
N LYS C 261 -8.42 -37.37 15.40
CA LYS C 261 -9.14 -36.94 16.61
C LYS C 261 -9.69 -35.51 16.46
N PHE C 262 -8.85 -34.61 15.95
CA PHE C 262 -9.24 -33.23 15.69
C PHE C 262 -10.43 -33.16 14.73
N THR C 263 -10.35 -33.91 13.64
CA THR C 263 -11.46 -34.02 12.68
C THR C 263 -12.76 -34.43 13.38
N LYS C 264 -12.69 -35.46 14.22
CA LYS C 264 -13.84 -35.95 14.99
C LYS C 264 -14.44 -34.88 15.90
N ASP C 265 -13.58 -34.22 16.69
CA ASP C 265 -14.02 -33.20 17.66
C ASP C 265 -14.66 -31.99 17.00
N ILE C 266 -14.10 -31.55 15.88
CA ILE C 266 -14.62 -30.39 15.13
C ILE C 266 -15.99 -30.72 14.51
N LEU C 267 -16.16 -31.95 14.03
CA LEU C 267 -17.47 -32.41 13.54
C LEU C 267 -18.50 -32.50 14.67
N GLU C 268 -18.09 -33.02 15.83
CA GLU C 268 -18.98 -33.10 17.02
C GLU C 268 -19.44 -31.72 17.49
N ILE C 269 -18.50 -30.77 17.59
CA ILE C 269 -18.79 -29.41 18.01
C ILE C 269 -19.81 -28.72 17.10
N ALA C 270 -19.67 -28.92 15.79
CA ALA C 270 -20.54 -28.30 14.79
C ALA C 270 -22.01 -28.76 14.82
N GLU C 271 -22.30 -29.87 15.50
CA GLU C 271 -23.66 -30.41 15.60
C GLU C 271 -24.62 -29.41 16.24
N GLN C 272 -25.84 -29.32 15.68
CA GLN C 272 -26.83 -28.32 16.04
C GLN C 272 -27.99 -28.93 16.82
N ARG D 1 -5.64 11.85 -33.86
CA ARG D 1 -4.31 11.81 -33.20
C ARG D 1 -4.39 12.46 -31.81
N ASN D 2 -3.29 12.36 -31.06
CA ASN D 2 -3.26 12.70 -29.63
C ASN D 2 -2.41 13.90 -29.29
N LEU D 3 -2.60 14.40 -28.07
CA LEU D 3 -1.72 15.40 -27.47
C LEU D 3 -0.87 14.68 -26.42
N MET D 4 0.42 14.98 -26.38
CA MET D 4 1.31 14.46 -25.37
C MET D 4 1.97 15.60 -24.59
N ILE D 5 1.86 15.55 -23.26
CA ILE D 5 2.45 16.56 -22.39
C ILE D 5 3.52 15.88 -21.54
N VAL D 6 4.75 16.38 -21.62
CA VAL D 6 5.90 15.75 -20.96
C VAL D 6 6.33 16.57 -19.76
N ASP D 7 6.48 15.90 -18.61
CA ASP D 7 7.06 16.49 -17.40
C ASP D 7 8.57 16.33 -17.58
N GLY D 8 9.22 17.36 -18.14
CA GLY D 8 10.59 17.24 -18.67
C GLY D 8 11.70 17.06 -17.65
N THR D 9 11.61 17.77 -16.53
CA THR D 9 12.58 17.64 -15.44
C THR D 9 12.48 16.24 -14.82
N ASN D 10 11.25 15.83 -14.55
CA ASN D 10 10.90 14.48 -14.08
C ASN D 10 11.46 13.40 -14.99
N LEU D 11 11.28 13.57 -16.31
CA LEU D 11 11.82 12.63 -17.30
C LEU D 11 13.35 12.55 -17.32
N GLY D 12 14.02 13.67 -17.02
CA GLY D 12 15.49 13.72 -17.00
C GLY D 12 16.16 12.62 -16.20
N PHE D 13 15.58 12.28 -15.05
CA PHE D 13 16.13 11.24 -14.16
C PHE D 13 16.18 9.82 -14.73
N ARG D 14 15.48 9.56 -15.83
CA ARG D 14 15.67 8.34 -16.63
C ARG D 14 17.11 8.10 -17.10
N PHE D 15 17.88 9.19 -17.19
CA PHE D 15 19.28 9.13 -17.64
C PHE D 15 20.31 9.35 -16.53
N LYS D 16 19.86 9.50 -15.28
CA LYS D 16 20.77 9.57 -14.14
C LYS D 16 21.30 8.16 -13.84
N HIS D 17 22.58 7.93 -14.12
CA HIS D 17 23.25 6.68 -13.80
C HIS D 17 24.57 7.01 -13.12
N ASN D 18 24.72 6.54 -11.88
CA ASN D 18 26.00 6.65 -11.15
C ASN D 18 27.24 6.15 -11.92
N ASN D 19 27.07 5.10 -12.73
CA ASN D 19 28.17 4.51 -13.51
C ASN D 19 28.46 5.16 -14.88
N SER D 20 27.43 5.66 -15.55
CA SER D 20 27.56 6.22 -16.91
C SER D 20 28.23 7.59 -16.91
N LYS D 21 28.89 7.91 -18.02
CA LYS D 21 29.73 9.11 -18.16
C LYS D 21 29.22 10.15 -19.18
N LYS D 22 28.69 9.69 -20.31
CA LYS D 22 28.50 10.56 -21.48
C LYS D 22 27.21 11.41 -21.45
N PRO D 23 27.19 12.53 -22.22
CA PRO D 23 25.99 13.34 -22.42
C PRO D 23 24.78 12.53 -22.90
N PHE D 24 23.59 12.88 -22.44
CA PHE D 24 22.34 12.23 -22.87
C PHE D 24 21.36 13.15 -23.61
N ALA D 25 21.76 14.40 -23.87
CA ALA D 25 20.89 15.41 -24.50
C ALA D 25 20.22 14.94 -25.80
N SER D 26 20.98 14.28 -26.67
CA SER D 26 20.41 13.78 -27.94
C SER D 26 19.49 12.59 -27.69
N SER D 27 19.87 11.72 -26.76
CA SER D 27 19.06 10.55 -26.39
C SER D 27 17.78 10.94 -25.61
N TYR D 28 17.84 12.03 -24.86
CA TYR D 28 16.68 12.60 -24.18
C TYR D 28 15.61 13.02 -25.19
N VAL D 29 16.03 13.76 -26.22
CA VAL D 29 15.09 14.27 -27.22
C VAL D 29 14.55 13.12 -28.07
N SER D 30 15.41 12.16 -28.41
CA SER D 30 15.01 10.97 -29.18
C SER D 30 14.00 10.13 -28.41
N THR D 31 14.16 10.02 -27.09
CA THR D 31 13.19 9.33 -26.23
C THR D 31 11.80 9.99 -26.27
N ILE D 32 11.76 11.32 -26.25
CA ILE D 32 10.49 12.06 -26.36
C ILE D 32 9.82 11.79 -27.73
N GLN D 33 10.60 11.84 -28.81
CA GLN D 33 10.11 11.47 -30.17
C GLN D 33 9.54 10.05 -30.23
N SER D 34 10.26 9.11 -29.63
CA SER D 34 9.81 7.72 -29.54
C SER D 34 8.49 7.60 -28.75
N LEU D 35 8.38 8.32 -27.63
CA LEU D 35 7.15 8.35 -26.84
C LEU D 35 6.00 8.95 -27.63
N ALA D 36 6.28 10.05 -28.35
CA ALA D 36 5.27 10.67 -29.23
C ALA D 36 4.68 9.67 -30.22
N LYS D 37 5.55 8.88 -30.85
CA LYS D 37 5.09 7.82 -31.76
C LYS D 37 4.28 6.73 -31.02
N SER D 38 4.76 6.29 -29.86
CA SER D 38 4.05 5.26 -29.07
C SER D 38 2.63 5.68 -28.63
N TYR D 39 2.43 6.99 -28.42
CA TYR D 39 1.14 7.51 -28.01
C TYR D 39 0.42 8.30 -29.11
N SER D 40 0.80 8.08 -30.38
CA SER D 40 0.14 8.67 -31.54
C SER D 40 -0.06 10.18 -31.44
N ALA D 41 0.98 10.88 -31.02
CA ALA D 41 0.89 12.31 -30.77
C ALA D 41 1.23 13.13 -31.99
N ARG D 42 0.26 13.90 -32.50
CA ARG D 42 0.53 14.91 -33.52
C ARG D 42 1.10 16.19 -32.91
N THR D 43 0.84 16.39 -31.62
CA THR D 43 1.35 17.54 -30.86
C THR D 43 2.02 17.02 -29.58
N THR D 44 3.25 17.47 -29.34
CA THR D 44 3.95 17.19 -28.11
C THR D 44 4.35 18.51 -27.48
N ILE D 45 4.06 18.68 -26.19
CA ILE D 45 4.51 19.85 -25.45
C ILE D 45 5.35 19.36 -24.27
N VAL D 46 6.53 19.96 -24.10
CA VAL D 46 7.46 19.58 -23.05
C VAL D 46 7.51 20.71 -22.02
N LEU D 47 7.38 20.35 -20.75
CA LEU D 47 7.38 21.32 -19.65
C LEU D 47 8.60 21.12 -18.78
N GLY D 48 9.17 22.23 -18.31
CA GLY D 48 10.30 22.20 -17.38
C GLY D 48 10.04 22.93 -16.07
N ASP D 49 10.87 22.63 -15.08
CA ASP D 49 10.85 23.32 -13.80
C ASP D 49 11.63 24.63 -13.90
N LYS D 50 11.22 25.61 -13.10
CA LYS D 50 11.92 26.90 -13.03
C LYS D 50 11.56 27.60 -11.71
N GLY D 51 11.95 26.94 -10.61
CA GLY D 51 11.80 27.46 -9.26
C GLY D 51 10.65 26.78 -8.56
N LYS D 52 10.52 27.04 -7.27
CA LYS D 52 9.40 26.52 -6.47
C LYS D 52 8.18 27.37 -6.78
N SER D 53 7.01 26.75 -6.69
CA SER D 53 5.76 27.43 -7.00
C SER D 53 5.60 28.66 -6.11
N VAL D 54 5.55 29.83 -6.74
CA VAL D 54 5.29 31.08 -6.03
C VAL D 54 3.90 31.00 -5.37
N PHE D 55 2.93 30.41 -6.06
CA PHE D 55 1.59 30.20 -5.52
C PHE D 55 1.57 29.34 -4.26
N ARG D 56 2.22 28.19 -4.32
CA ARG D 56 2.26 27.29 -3.16
C ARG D 56 3.09 27.86 -2.01
N LEU D 57 4.18 28.57 -2.31
CA LEU D 57 4.97 29.28 -1.29
C LEU D 57 4.16 30.34 -0.54
N GLU D 58 3.34 31.10 -1.25
CA GLU D 58 2.43 32.07 -0.67
C GLU D 58 1.42 31.47 0.30
N HIS D 59 0.96 30.25 0.03
CA HIS D 59 0.04 29.53 0.92
C HIS D 59 0.75 28.67 1.97
N LEU D 60 1.99 28.25 1.68
CA LEU D 60 2.78 27.45 2.60
C LEU D 60 4.27 27.78 2.39
N PRO D 61 4.82 28.72 3.18
CA PRO D 61 6.22 29.15 3.07
C PRO D 61 7.27 28.04 3.15
N GLU D 62 6.96 26.93 3.84
CA GLU D 62 7.89 25.80 3.94
C GLU D 62 7.76 24.78 2.80
N TYR D 63 6.94 25.08 1.79
CA TYR D 63 6.76 24.21 0.62
C TYR D 63 8.11 23.86 0.00
N LYS D 64 8.41 22.56 -0.06
CA LYS D 64 9.71 22.03 -0.49
C LYS D 64 10.92 22.59 0.31
N GLY D 65 10.68 22.98 1.56
CA GLY D 65 11.73 23.55 2.42
C GLY D 65 12.81 22.57 2.85
N ASN D 66 12.52 21.27 2.77
CA ASN D 66 13.52 20.21 2.93
C ASN D 66 14.57 20.12 1.80
N ARG D 67 14.28 20.70 0.63
CA ARG D 67 15.19 20.67 -0.54
C ARG D 67 16.60 21.13 -0.20
N ASP D 68 16.73 22.38 0.23
CA ASP D 68 18.06 23.00 0.45
C ASP D 68 18.84 22.29 1.57
N GLU D 69 18.12 21.69 2.52
CA GLU D 69 18.72 20.81 3.54
C GLU D 69 19.18 19.48 2.94
N LYS D 70 18.33 18.85 2.13
CA LYS D 70 18.64 17.55 1.50
C LYS D 70 19.83 17.63 0.53
N TYR D 71 19.90 18.71 -0.24
CA TYR D 71 21.02 18.95 -1.15
C TYR D 71 22.33 19.32 -0.42
N ALA D 72 22.23 20.05 0.69
CA ALA D 72 23.41 20.40 1.51
C ALA D 72 24.09 19.18 2.17
N GLN D 73 23.31 18.15 2.51
CA GLN D 73 23.83 16.95 3.20
C GLN D 73 24.23 15.78 2.28
N ARG D 74 24.34 16.02 0.96
CA ARG D 74 24.87 15.01 0.04
C ARG D 74 26.36 14.81 0.29
N THR D 75 26.85 13.60 0.01
CA THR D 75 28.28 13.30 0.06
C THR D 75 29.05 14.01 -1.07
N GLU D 76 30.38 13.90 -1.03
CA GLU D 76 31.26 14.47 -2.05
C GLU D 76 30.98 13.85 -3.42
N GLU D 77 30.86 12.52 -3.43
CA GLU D 77 30.61 11.75 -4.65
C GLU D 77 29.24 12.06 -5.26
N GLU D 78 28.22 12.19 -4.42
CA GLU D 78 26.87 12.57 -4.88
C GLU D 78 26.82 13.98 -5.47
N LYS D 79 27.49 14.95 -4.83
CA LYS D 79 27.56 16.31 -5.35
C LYS D 79 28.19 16.36 -6.74
N ALA D 80 29.27 15.61 -6.92
CA ALA D 80 29.99 15.55 -8.19
C ALA D 80 29.14 14.93 -9.31
N LEU D 81 28.47 13.82 -8.99
CA LEU D 81 27.53 13.19 -9.92
C LEU D 81 26.36 14.10 -10.27
N ASP D 82 25.76 14.72 -9.26
CA ASP D 82 24.63 15.63 -9.49
C ASP D 82 25.00 16.82 -10.38
N GLU D 83 26.13 17.45 -10.12
CA GLU D 83 26.58 18.62 -10.91
C GLU D 83 26.78 18.31 -12.39
N GLN D 84 27.29 17.11 -12.68
CA GLN D 84 27.39 16.63 -14.05
C GLN D 84 25.99 16.36 -14.63
N PHE D 85 25.17 15.65 -13.87
CA PHE D 85 23.82 15.30 -14.29
C PHE D 85 22.98 16.52 -14.62
N PHE D 86 23.00 17.52 -13.74
CA PHE D 86 22.21 18.74 -13.94
C PHE D 86 22.72 19.63 -15.07
N GLU D 87 24.03 19.64 -15.29
CA GLU D 87 24.61 20.32 -16.45
C GLU D 87 24.11 19.66 -17.73
N TYR D 88 24.12 18.33 -17.75
CA TYR D 88 23.60 17.57 -18.89
C TYR D 88 22.10 17.73 -19.10
N LEU D 89 21.34 17.81 -18.02
CA LEU D 89 19.88 18.01 -18.14
C LEU D 89 19.55 19.37 -18.74
N LYS D 90 20.31 20.40 -18.35
CA LYS D 90 20.17 21.74 -18.92
C LYS D 90 20.41 21.72 -20.43
N ASP D 91 21.47 21.04 -20.88
CA ASP D 91 21.76 20.89 -22.31
C ASP D 91 20.67 20.09 -23.05
N ALA D 92 20.13 19.05 -22.39
CA ALA D 92 19.02 18.27 -22.95
C ALA D 92 17.80 19.11 -23.18
N PHE D 93 17.52 19.99 -22.21
CA PHE D 93 16.37 20.85 -22.24
C PHE D 93 16.52 21.93 -23.32
N GLU D 94 17.72 22.50 -23.45
CA GLU D 94 18.07 23.41 -24.56
C GLU D 94 17.83 22.78 -25.93
N LEU D 95 18.33 21.56 -26.12
CA LEU D 95 18.22 20.83 -27.39
C LEU D 95 16.78 20.47 -27.71
N CYS D 96 16.00 20.17 -26.68
CA CYS D 96 14.58 19.91 -26.80
C CYS D 96 13.81 21.13 -27.37
N LYS D 97 14.19 22.34 -26.95
CA LYS D 97 13.57 23.58 -27.49
C LYS D 97 13.74 23.75 -29.01
N THR D 98 14.78 23.16 -29.61
CA THR D 98 14.91 23.15 -31.07
C THR D 98 13.77 22.41 -31.82
N THR D 99 13.15 21.43 -31.15
CA THR D 99 12.30 20.41 -31.81
C THR D 99 10.85 20.41 -31.36
N PHE D 100 10.58 20.69 -30.09
CA PHE D 100 9.24 20.65 -29.54
C PHE D 100 8.90 21.98 -28.87
N PRO D 101 7.62 22.36 -28.89
CA PRO D 101 7.14 23.41 -28.00
C PRO D 101 7.54 23.07 -26.55
N THR D 102 8.40 23.90 -25.97
CA THR D 102 9.03 23.61 -24.68
C THR D 102 8.91 24.83 -23.76
N PHE D 103 8.31 24.64 -22.59
CA PHE D 103 7.93 25.76 -21.71
C PHE D 103 8.51 25.66 -20.32
N THR D 104 9.13 26.76 -19.88
CA THR D 104 9.30 27.05 -18.48
C THR D 104 8.62 28.38 -18.21
N ILE D 105 8.12 28.54 -16.99
CA ILE D 105 7.67 29.82 -16.52
C ILE D 105 8.24 29.98 -15.13
N ARG D 106 8.93 31.10 -14.92
CA ARG D 106 9.58 31.39 -13.66
C ARG D 106 8.57 31.38 -12.54
N GLY D 107 8.85 30.57 -11.51
CA GLY D 107 7.98 30.48 -10.33
C GLY D 107 6.69 29.71 -10.52
N VAL D 108 6.58 28.93 -11.60
CA VAL D 108 5.38 28.15 -11.89
C VAL D 108 5.82 26.73 -12.10
N GLU D 109 5.18 25.80 -11.42
CA GLU D 109 5.51 24.38 -11.57
C GLU D 109 4.83 23.75 -12.80
N ALA D 110 5.48 22.73 -13.34
CA ALA D 110 5.01 21.99 -14.52
C ALA D 110 3.60 21.45 -14.35
N ASP D 111 3.30 21.01 -13.13
CA ASP D 111 1.98 20.55 -12.72
C ASP D 111 0.86 21.50 -13.19
N ASP D 112 1.01 22.77 -12.88
CA ASP D 112 -0.02 23.78 -13.15
C ASP D 112 -0.16 24.09 -14.64
N MET D 113 0.98 24.20 -15.34
CA MET D 113 0.99 24.33 -16.79
C MET D 113 0.29 23.16 -17.47
N ALA D 114 0.55 21.93 -17.00
CA ALA D 114 -0.04 20.73 -17.60
C ALA D 114 -1.55 20.69 -17.43
N ALA D 115 -1.99 20.97 -16.20
CA ALA D 115 -3.42 21.01 -15.89
C ALA D 115 -4.14 22.03 -16.76
N TYR D 116 -3.55 23.21 -16.92
CA TYR D 116 -4.13 24.26 -17.74
C TYR D 116 -4.16 23.90 -19.24
N ILE D 117 -3.08 23.33 -19.76
CA ILE D 117 -3.02 22.90 -21.17
C ILE D 117 -4.11 21.87 -21.48
N VAL D 118 -4.26 20.86 -20.62
CA VAL D 118 -5.29 19.83 -20.79
C VAL D 118 -6.68 20.45 -20.99
N LYS D 119 -7.08 21.33 -20.08
CA LYS D 119 -8.39 22.00 -20.17
C LYS D 119 -8.51 22.94 -21.37
N LEU D 120 -7.39 23.55 -21.77
CA LEU D 120 -7.39 24.57 -22.81
C LEU D 120 -7.54 23.97 -24.21
N ILE D 121 -6.78 22.92 -24.49
CA ILE D 121 -6.74 22.34 -25.83
C ILE D 121 -6.96 20.82 -25.92
N GLY D 122 -7.15 20.13 -24.79
CA GLY D 122 -7.29 18.67 -24.79
C GLY D 122 -8.45 18.15 -25.62
N HIS D 123 -9.55 18.89 -25.64
CA HIS D 123 -10.73 18.51 -26.43
C HIS D 123 -10.54 18.59 -27.95
N LEU D 124 -9.47 19.22 -28.42
CA LEU D 124 -9.09 19.22 -29.83
C LEU D 124 -8.41 17.92 -30.29
N TYR D 125 -8.13 17.01 -29.36
CA TYR D 125 -7.43 15.77 -29.66
C TYR D 125 -8.30 14.59 -29.27
N ASP D 126 -7.97 13.42 -29.82
CA ASP D 126 -8.68 12.18 -29.49
C ASP D 126 -8.41 11.76 -28.04
N HIS D 127 -7.15 11.88 -27.62
CA HIS D 127 -6.71 11.48 -26.29
C HIS D 127 -5.50 12.36 -25.89
N VAL D 128 -5.32 12.57 -24.59
CA VAL D 128 -4.17 13.29 -24.07
C VAL D 128 -3.35 12.32 -23.20
N TRP D 129 -2.05 12.27 -23.45
CA TRP D 129 -1.15 11.40 -22.69
C TRP D 129 -0.14 12.24 -21.92
N LEU D 130 -0.10 12.01 -20.60
CA LEU D 130 0.79 12.73 -19.70
C LEU D 130 2.01 11.88 -19.40
N ILE D 131 3.22 12.42 -19.57
CA ILE D 131 4.45 11.66 -19.34
C ILE D 131 5.08 12.17 -18.04
N SER D 132 4.74 11.49 -16.94
CA SER D 132 5.24 11.84 -15.63
C SER D 132 5.16 10.64 -14.71
N THR D 133 6.17 10.49 -13.85
CA THR D 133 6.15 9.50 -12.78
C THR D 133 5.30 9.98 -11.61
N LYS D 134 5.07 11.30 -11.52
CA LYS D 134 4.37 11.92 -10.38
C LYS D 134 2.91 11.48 -10.28
N GLY D 135 2.57 10.82 -9.18
CA GLY D 135 1.23 10.27 -8.97
C GLY D 135 0.10 11.28 -8.92
N ASP D 136 0.35 12.48 -8.40
CA ASP D 136 -0.72 13.48 -8.29
C ASP D 136 -1.13 14.15 -9.61
N TRP D 137 -0.38 13.89 -10.70
CA TRP D 137 -0.86 14.16 -12.06
C TRP D 137 -2.13 13.37 -12.42
N ASP D 138 -2.42 12.29 -11.69
CA ASP D 138 -3.68 11.56 -11.85
C ASP D 138 -4.92 12.34 -11.38
N THR D 139 -4.74 13.50 -10.76
CA THR D 139 -5.85 14.42 -10.55
C THR D 139 -6.39 14.99 -11.87
N LEU D 140 -5.67 14.76 -12.97
CA LEU D 140 -6.09 15.18 -14.30
C LEU D 140 -6.68 14.06 -15.16
N LEU D 141 -6.78 12.83 -14.64
CA LEU D 141 -7.30 11.74 -15.45
C LEU D 141 -8.78 11.90 -15.73
N THR D 142 -9.17 11.59 -16.95
CA THR D 142 -10.56 11.53 -17.39
C THR D 142 -10.63 10.33 -18.34
N ASP D 143 -11.78 10.11 -18.95
CA ASP D 143 -11.87 9.07 -19.98
C ASP D 143 -10.99 9.39 -21.21
N LYS D 144 -10.66 10.67 -21.42
CA LYS D 144 -9.80 11.11 -22.53
C LYS D 144 -8.36 11.54 -22.14
N VAL D 145 -7.97 11.37 -20.88
CA VAL D 145 -6.65 11.80 -20.37
C VAL D 145 -6.02 10.69 -19.52
N SER D 146 -4.82 10.25 -19.90
CA SER D 146 -4.12 9.14 -19.22
C SER D 146 -2.65 9.51 -18.97
N ARG D 147 -1.95 8.69 -18.16
CA ARG D 147 -0.55 8.95 -17.79
C ARG D 147 0.34 7.74 -18.04
N PHE D 148 1.58 7.98 -18.49
CA PHE D 148 2.66 6.99 -18.53
C PHE D 148 3.84 7.39 -17.62
N SER D 149 4.31 6.42 -16.84
CA SER D 149 5.44 6.58 -15.93
C SER D 149 6.62 5.75 -16.42
N PHE D 150 7.78 6.38 -16.64
CA PHE D 150 8.97 5.64 -17.10
C PHE D 150 9.59 4.75 -16.00
N THR D 151 9.54 5.19 -14.73
CA THR D 151 10.09 4.41 -13.61
C THR D 151 9.30 3.11 -13.39
N THR D 152 7.97 3.23 -13.25
CA THR D 152 7.10 2.05 -13.06
C THR D 152 6.74 1.34 -14.37
N ARG D 153 6.96 1.99 -15.52
CA ARG D 153 6.60 1.47 -16.86
C ARG D 153 5.09 1.15 -17.04
N ARG D 154 4.25 1.80 -16.23
CA ARG D 154 2.81 1.56 -16.21
C ARG D 154 2.07 2.69 -16.92
N GLU D 155 0.92 2.35 -17.49
CA GLU D 155 -0.05 3.34 -17.95
C GLU D 155 -1.13 3.46 -16.87
N TYR D 156 -1.66 4.67 -16.69
CA TYR D 156 -2.64 4.96 -15.65
C TYR D 156 -3.87 5.58 -16.28
N HIS D 157 -5.02 4.92 -16.14
CA HIS D 157 -6.29 5.39 -16.70
C HIS D 157 -7.25 5.69 -15.57
N LEU D 158 -8.27 6.51 -15.85
CA LEU D 158 -9.29 6.85 -14.84
C LEU D 158 -9.94 5.62 -14.21
N ARG D 159 -10.24 4.60 -15.03
CA ARG D 159 -10.83 3.35 -14.54
C ARG D 159 -9.98 2.60 -13.50
N ASP D 160 -8.68 2.87 -13.47
CA ASP D 160 -7.75 2.27 -12.51
C ASP D 160 -7.41 3.19 -11.32
N MET D 161 -8.25 4.21 -11.06
CA MET D 161 -7.99 5.14 -9.97
C MET D 161 -7.85 4.43 -8.62
N TYR D 162 -8.64 3.39 -8.40
CA TYR D 162 -8.65 2.65 -7.12
C TYR D 162 -7.42 1.78 -6.98
N GLU D 163 -7.17 0.96 -8.01
CA GLU D 163 -6.02 0.05 -8.05
C GLU D 163 -4.70 0.76 -7.82
N HIS D 164 -4.61 2.01 -8.26
CA HIS D 164 -3.42 2.79 -7.99
C HIS D 164 -3.48 3.45 -6.60
N HIS D 165 -4.41 4.39 -6.42
CA HIS D 165 -4.39 5.29 -5.28
C HIS D 165 -5.40 5.00 -4.16
N ASN D 166 -6.02 3.81 -4.21
CA ASN D 166 -6.98 3.34 -3.18
C ASN D 166 -8.18 4.25 -2.91
N VAL D 167 -8.63 4.94 -3.96
CA VAL D 167 -9.76 5.89 -3.91
C VAL D 167 -10.70 5.70 -5.11
N ASP D 168 -11.90 6.25 -5.02
CA ASP D 168 -12.96 6.02 -6.03
C ASP D 168 -12.80 6.90 -7.28
N ASP D 169 -12.41 8.16 -7.08
CA ASP D 169 -12.37 9.16 -8.15
C ASP D 169 -11.32 10.26 -7.88
N VAL D 170 -11.28 11.26 -8.74
CA VAL D 170 -10.36 12.40 -8.58
C VAL D 170 -10.60 13.21 -7.29
N GLU D 171 -11.86 13.47 -6.94
CA GLU D 171 -12.18 14.24 -5.72
C GLU D 171 -11.73 13.55 -4.43
N GLN D 172 -11.94 12.24 -4.34
CA GLN D 172 -11.43 11.46 -3.21
C GLN D 172 -9.92 11.45 -3.15
N PHE D 173 -9.27 11.35 -4.31
CA PHE D 173 -7.81 11.41 -4.40
C PHE D 173 -7.28 12.74 -3.87
N ILE D 174 -7.95 13.83 -4.24
CA ILE D 174 -7.59 15.18 -3.78
C ILE D 174 -7.80 15.32 -2.27
N SER D 175 -8.95 14.85 -1.78
CA SER D 175 -9.25 14.87 -0.35
C SER D 175 -8.25 14.07 0.49
N LEU D 176 -7.86 12.89 0.00
CA LEU D 176 -6.90 12.04 0.71
C LEU D 176 -5.50 12.63 0.76
N LYS D 177 -5.08 13.28 -0.32
CA LYS D 177 -3.77 13.95 -0.35
C LYS D 177 -3.74 15.16 0.60
N ALA D 178 -4.86 15.85 0.72
CA ALA D 178 -4.98 16.99 1.64
C ALA D 178 -4.89 16.57 3.11
N ILE D 179 -5.48 15.42 3.44
CA ILE D 179 -5.42 14.86 4.79
C ILE D 179 -4.03 14.29 5.10
N MET D 180 -3.49 13.50 4.16
CA MET D 180 -2.22 12.83 4.35
C MET D 180 -1.03 13.76 4.21
N GLY D 181 -1.18 14.81 3.42
CA GLY D 181 -0.07 15.68 3.07
C GLY D 181 0.89 15.00 2.10
N ASP D 182 2.13 15.46 2.10
CA ASP D 182 3.17 14.93 1.23
C ASP D 182 4.55 15.33 1.76
N LEU D 183 5.22 14.36 2.39
CA LEU D 183 6.51 14.58 3.04
C LEU D 183 7.57 15.07 2.06
N GLY D 184 7.59 14.49 0.87
CA GLY D 184 8.51 14.89 -0.19
C GLY D 184 8.42 16.37 -0.56
N ASP D 185 7.20 16.90 -0.55
CA ASP D 185 6.98 18.33 -0.80
C ASP D 185 7.02 19.18 0.49
N ASN D 186 7.36 18.57 1.62
CA ASN D 186 7.32 19.21 2.93
C ASN D 186 5.93 19.79 3.28
N ILE D 187 4.87 19.05 2.90
CA ILE D 187 3.50 19.40 3.24
C ILE D 187 3.06 18.46 4.35
N ARG D 188 2.95 19.00 5.57
CA ARG D 188 2.48 18.23 6.71
C ARG D 188 1.03 17.82 6.51
N GLY D 189 0.73 16.58 6.86
CA GLY D 189 -0.65 16.09 6.93
C GLY D 189 -1.03 15.98 8.38
N VAL D 190 -2.23 15.45 8.61
CA VAL D 190 -2.74 15.25 9.95
C VAL D 190 -1.96 14.10 10.58
N GLU D 191 -1.37 14.37 11.74
CA GLU D 191 -0.53 13.40 12.44
C GLU D 191 -1.36 12.17 12.79
N GLY D 192 -0.84 11.00 12.44
CA GLY D 192 -1.50 9.72 12.70
C GLY D 192 -2.47 9.21 11.64
N ILE D 193 -2.65 9.94 10.53
CA ILE D 193 -3.58 9.53 9.47
C ILE D 193 -2.83 9.29 8.18
N GLY D 194 -2.80 8.02 7.76
CA GLY D 194 -2.20 7.60 6.50
C GLY D 194 -3.27 7.18 5.52
N ALA D 195 -2.92 6.30 4.60
CA ALA D 195 -3.82 5.87 3.53
C ALA D 195 -5.04 5.08 4.01
N LYS D 196 -4.84 4.22 5.01
CA LYS D 196 -5.89 3.33 5.49
C LYS D 196 -6.96 4.08 6.27
N ARG D 197 -6.52 4.81 7.30
CA ARG D 197 -7.43 5.60 8.12
C ARG D 197 -8.03 6.74 7.31
N GLY D 198 -7.22 7.34 6.44
CA GLY D 198 -7.64 8.44 5.57
C GLY D 198 -8.79 8.07 4.65
N TYR D 199 -8.66 6.93 3.97
CA TYR D 199 -9.72 6.43 3.09
C TYR D 199 -10.96 6.05 3.87
N ASN D 200 -10.77 5.42 5.03
CA ASN D 200 -11.89 5.04 5.89
C ASN D 200 -12.69 6.26 6.34
N ILE D 201 -11.98 7.31 6.75
CA ILE D 201 -12.59 8.60 7.14
C ILE D 201 -13.31 9.27 5.96
N ILE D 202 -12.68 9.28 4.79
CA ILE D 202 -13.29 9.88 3.59
C ILE D 202 -14.56 9.14 3.15
N ARG D 203 -14.53 7.81 3.18
CA ARG D 203 -15.69 7.02 2.77
C ARG D 203 -16.87 7.19 3.73
N GLU D 204 -16.58 7.35 5.02
CA GLU D 204 -17.63 7.57 6.03
C GLU D 204 -18.20 9.00 5.97
N PHE D 205 -17.34 9.99 6.19
CA PHE D 205 -17.77 11.40 6.39
C PHE D 205 -17.80 12.29 5.13
N GLY D 206 -17.18 11.84 4.03
CA GLY D 206 -17.16 12.58 2.77
C GLY D 206 -15.83 13.24 2.48
N ASN D 207 -15.83 14.12 1.47
CA ASN D 207 -14.61 14.81 1.03
C ASN D 207 -14.21 15.92 2.01
N VAL D 208 -13.04 16.51 1.80
CA VAL D 208 -12.44 17.41 2.81
C VAL D 208 -13.35 18.56 3.23
N LEU D 209 -14.01 19.22 2.27
CA LEU D 209 -14.90 20.34 2.59
C LEU D 209 -16.08 19.90 3.47
N ASP D 210 -16.61 18.69 3.23
CA ASP D 210 -17.68 18.13 4.05
C ASP D 210 -17.20 17.81 5.47
N ILE D 211 -16.00 17.25 5.57
CA ILE D 211 -15.37 16.91 6.86
C ILE D 211 -15.17 18.16 7.73
N ILE D 212 -14.75 19.27 7.12
CA ILE D 212 -14.54 20.53 7.84
C ILE D 212 -15.84 21.06 8.48
N ASP D 213 -16.96 20.94 7.76
CA ASP D 213 -18.27 21.33 8.30
C ASP D 213 -18.68 20.52 9.53
N GLN D 214 -18.32 19.24 9.55
CA GLN D 214 -18.69 18.34 10.64
C GLN D 214 -17.72 18.35 11.83
N LEU D 215 -16.58 19.04 11.72
CA LEU D 215 -15.62 19.14 12.83
C LEU D 215 -16.25 19.80 14.08
N PRO D 216 -16.02 19.27 15.28
CA PRO D 216 -15.20 18.08 15.54
C PRO D 216 -15.92 16.76 15.19
N LEU D 217 -15.20 15.81 14.59
CA LEU D 217 -15.74 14.46 14.35
C LEU D 217 -15.76 13.64 15.64
N PRO D 218 -16.65 12.63 15.72
CA PRO D 218 -16.67 11.75 16.89
C PRO D 218 -15.53 10.75 16.86
N GLY D 219 -15.23 10.16 18.02
CA GLY D 219 -14.16 9.15 18.18
C GLY D 219 -13.09 9.64 19.13
N LYS D 220 -12.56 8.72 19.94
CA LYS D 220 -11.58 9.07 20.98
C LYS D 220 -10.12 8.74 20.60
N GLN D 221 -9.88 8.35 19.34
CA GLN D 221 -8.54 7.99 18.89
C GLN D 221 -7.69 9.26 18.75
N LYS D 222 -6.40 9.12 19.01
CA LYS D 222 -5.46 10.24 18.94
C LYS D 222 -5.46 10.93 17.55
N TYR D 223 -5.54 10.14 16.48
CA TYR D 223 -5.60 10.70 15.13
C TYR D 223 -6.87 11.48 14.81
N ILE D 224 -7.98 11.16 15.47
CA ILE D 224 -9.21 11.96 15.35
C ILE D 224 -9.07 13.28 16.10
N GLN D 225 -8.46 13.25 17.29
CA GLN D 225 -8.18 14.49 18.04
C GLN D 225 -7.30 15.43 17.19
N ASN D 226 -6.26 14.87 16.57
CA ASN D 226 -5.40 15.63 15.67
C ASN D 226 -6.18 16.19 14.48
N LEU D 227 -7.08 15.39 13.92
CA LEU D 227 -7.95 15.84 12.82
C LEU D 227 -8.84 17.02 13.23
N ASN D 228 -9.39 16.95 14.43
CA ASN D 228 -10.31 17.99 14.91
C ASN D 228 -9.64 19.34 15.19
N ALA D 229 -8.33 19.32 15.45
CA ALA D 229 -7.55 20.56 15.57
C ALA D 229 -6.90 21.03 14.26
N SER D 230 -7.25 20.43 13.12
CA SER D 230 -6.52 20.63 11.86
C SER D 230 -7.30 21.34 10.74
N GLU D 231 -8.29 22.17 11.09
CA GLU D 231 -9.10 22.88 10.09
C GLU D 231 -8.27 23.76 9.16
N GLU D 232 -7.40 24.60 9.73
CA GLU D 232 -6.52 25.49 8.95
C GLU D 232 -5.57 24.70 8.04
N LEU D 233 -4.99 23.62 8.56
CA LEU D 233 -4.15 22.72 7.79
C LEU D 233 -4.87 22.09 6.60
N LEU D 234 -6.12 21.68 6.80
CA LEU D 234 -6.90 21.02 5.74
C LEU D 234 -7.28 21.96 4.60
N PHE D 235 -7.78 23.17 4.92
CA PHE D 235 -8.06 24.21 3.91
C PHE D 235 -6.83 24.55 3.08
N ARG D 236 -5.72 24.80 3.79
CA ARG D 236 -4.45 25.14 3.15
C ARG D 236 -3.98 24.01 2.22
N ASN D 237 -3.95 22.78 2.73
CA ASN D 237 -3.54 21.62 1.93
C ASN D 237 -4.40 21.39 0.69
N LEU D 238 -5.70 21.65 0.82
CA LEU D 238 -6.61 21.50 -0.33
C LEU D 238 -6.20 22.43 -1.48
N ILE D 239 -5.83 23.66 -1.16
CA ILE D 239 -5.34 24.62 -2.17
C ILE D 239 -4.00 24.15 -2.79
N LEU D 240 -3.15 23.52 -1.99
CA LEU D 240 -1.86 23.00 -2.49
C LEU D 240 -1.97 21.76 -3.39
N VAL D 241 -2.95 20.89 -3.13
CA VAL D 241 -3.07 19.60 -3.86
C VAL D 241 -4.16 19.55 -4.93
N ASP D 242 -5.16 20.44 -4.86
CA ASP D 242 -6.25 20.47 -5.86
C ASP D 242 -5.77 21.12 -7.17
N LEU D 243 -5.04 20.33 -7.94
CA LEU D 243 -4.43 20.81 -9.19
C LEU D 243 -5.42 21.41 -10.19
N PRO D 244 -6.51 20.68 -10.52
CA PRO D 244 -7.46 21.23 -11.49
C PRO D 244 -8.10 22.58 -11.09
N THR D 245 -8.42 22.74 -9.80
CA THR D 245 -9.09 23.95 -9.32
C THR D 245 -8.18 25.18 -9.40
N TYR D 246 -6.92 25.05 -9.00
CA TYR D 246 -6.05 26.22 -8.79
C TYR D 246 -4.96 26.45 -9.85
N CYS D 247 -4.98 25.69 -10.94
CA CYS D 247 -3.89 25.74 -11.92
C CYS D 247 -3.71 27.12 -12.54
N VAL D 248 -4.82 27.77 -12.88
CA VAL D 248 -4.76 29.13 -13.46
C VAL D 248 -4.28 30.14 -12.40
N ASP D 249 -4.79 30.04 -11.17
CA ASP D 249 -4.32 30.88 -10.05
C ASP D 249 -2.82 30.74 -9.82
N ALA D 250 -2.30 29.52 -10.01
CA ALA D 250 -0.86 29.26 -9.84
C ALA D 250 0.00 29.93 -10.91
N ILE D 251 -0.51 30.03 -12.12
CA ILE D 251 0.18 30.71 -13.22
C ILE D 251 0.06 32.22 -13.06
N ALA D 252 -1.14 32.69 -12.71
CA ALA D 252 -1.41 34.12 -12.51
C ALA D 252 -0.61 34.72 -11.34
N ALA D 253 -0.30 33.92 -10.33
CA ALA D 253 0.51 34.36 -9.18
C ALA D 253 1.82 35.08 -9.57
N VAL D 254 2.44 34.67 -10.68
CA VAL D 254 3.69 35.31 -11.15
C VAL D 254 3.51 36.46 -12.16
N GLY D 255 2.27 36.87 -12.41
CA GLY D 255 1.96 37.99 -13.29
C GLY D 255 0.83 37.69 -14.27
N GLN D 256 -0.11 38.62 -14.39
CA GLN D 256 -1.22 38.52 -15.33
C GLN D 256 -0.72 38.43 -16.78
N ASP D 257 0.33 39.19 -17.10
CA ASP D 257 0.95 39.18 -18.43
C ASP D 257 1.60 37.84 -18.78
N VAL D 258 2.12 37.13 -17.78
CA VAL D 258 2.68 35.79 -17.97
C VAL D 258 1.55 34.81 -18.34
N LEU D 259 0.43 34.88 -17.61
CA LEU D 259 -0.75 34.05 -17.93
C LEU D 259 -1.27 34.31 -19.33
N ASP D 260 -1.39 35.58 -19.70
CA ASP D 260 -1.83 36.01 -21.04
C ASP D 260 -0.96 35.41 -22.13
N LYS D 261 0.36 35.58 -21.99
CA LYS D 261 1.32 35.09 -22.99
C LYS D 261 1.26 33.57 -23.14
N PHE D 262 1.24 32.86 -22.00
CA PHE D 262 1.16 31.39 -22.00
C PHE D 262 -0.15 30.88 -22.64
N THR D 263 -1.26 31.56 -22.34
CA THR D 263 -2.54 31.20 -22.95
C THR D 263 -2.46 31.30 -24.49
N LYS D 264 -1.95 32.43 -24.98
CA LYS D 264 -1.77 32.64 -26.44
C LYS D 264 -0.81 31.63 -27.06
N ASP D 265 0.33 31.40 -26.41
CA ASP D 265 1.30 30.42 -26.86
C ASP D 265 0.71 29.02 -27.03
N ILE D 266 -0.07 28.56 -26.05
CA ILE D 266 -0.68 27.21 -26.13
C ILE D 266 -1.73 27.10 -27.23
N LEU D 267 -2.61 28.10 -27.35
CA LEU D 267 -3.62 28.12 -28.41
C LEU D 267 -2.98 28.14 -29.81
N GLU D 268 -1.86 28.84 -29.95
CA GLU D 268 -1.10 28.84 -31.22
C GLU D 268 -0.54 27.45 -31.56
N ILE D 269 -0.03 26.71 -30.57
CA ILE D 269 0.46 25.33 -30.79
C ILE D 269 -0.63 24.43 -31.36
N ALA D 270 -1.84 24.50 -30.79
CA ALA D 270 -2.97 23.68 -31.21
C ALA D 270 -3.39 23.91 -32.68
N GLU D 271 -3.22 25.14 -33.17
CA GLU D 271 -3.51 25.47 -34.57
C GLU D 271 -2.51 24.88 -35.60
N GLN D 272 -1.28 24.60 -35.16
CA GLN D 272 -0.23 24.05 -36.05
C GLN D 272 -0.58 22.63 -36.48
MG MG E . 7.70 18.53 -10.52
MG MG F . 6.22 11.32 -3.23
K K G . 11.40 -8.39 -0.17
C1 GOL H . 21.93 27.35 -1.14
O1 GOL H . 22.19 26.51 -0.01
C2 GOL H . 22.61 26.77 -2.38
O2 GOL H . 21.87 27.12 -3.55
C3 GOL H . 24.04 27.31 -2.49
O3 GOL H . 24.81 26.88 -1.37
#